data_8Q94
#
_entry.id   8Q94
#
_cell.length_a   67.159
_cell.length_b   67.159
_cell.length_c   224.897
_cell.angle_alpha   90.00
_cell.angle_beta   90.00
_cell.angle_gamma   90.00
#
_symmetry.space_group_name_H-M   'P 43 21 2'
#
loop_
_entity.id
_entity.type
_entity.pdbx_description
1 polymer 'Spike protein S1'
2 polymer 'Nanobody Ma3B12'
3 polymer 'Nanobody Re32D03'
4 water water
#
loop_
_entity_poly.entity_id
_entity_poly.type
_entity_poly.pdbx_seq_one_letter_code
_entity_poly.pdbx_strand_id
1 'polypeptide(L)'
;EGSNLCPFDEVFDATRFASVYAWNRKRISNCVADYSVLYNLAPFFTFKCYGVSPTKLNDLSFTNVYADSFVIRGDEVRQI
APGQTGNIADYNYKLPDDFTGCVIAWNSNKLDSKVSGNYNYLYRLFRKSNLKPFERDISTEIYQAGNKPCNGVAGFNCYF
PLQSYGFRPTYGVGHQPYRVVVLSFEL
;
A
2 'polypeptide(L)'
;GSQVQLVETGGDLVQSGGSLRLACVLSGVTLDSYSIGWFRQAPGKEREGISYSEKSSGPTYYVDSVKGRFTVSRDNAKNT
AYLQMNSLKPEDSGIYYCAADEAYYHEKGWQSPLGWPYWGQGTQVTVSSTS
;
B
3 'polypeptide(L)'
;GSQVQLVESGGGLVQPGGSLRLSCAISGITLDYYAVGWFLQAPGKEREGISCMRNWDGRTVYAPSVKGRFTISSDNAKKM
VYLEMDNLKSEDTGVYYCAAGPLPPGISCRIPTPLGYDDWGQGTQVTVSSTS
;
C
#
# COMPACT_ATOMS: atom_id res chain seq x y z
N CYS A 6 14.63 11.27 27.28
CA CYS A 6 15.32 10.50 26.25
C CYS A 6 15.37 11.27 24.94
N PRO A 7 16.52 11.20 24.24
CA PRO A 7 16.67 11.95 22.99
C PRO A 7 15.81 11.41 21.86
N PHE A 8 14.50 11.56 22.00
CA PHE A 8 13.58 11.17 20.94
C PHE A 8 13.49 12.21 19.84
N ASP A 9 13.88 13.46 20.12
CA ASP A 9 13.81 14.51 19.11
C ASP A 9 14.70 14.22 17.92
N GLU A 10 15.85 13.58 18.15
CA GLU A 10 16.74 13.25 17.04
C GLU A 10 16.13 12.20 16.11
N VAL A 11 15.26 11.34 16.64
CA VAL A 11 14.65 10.29 15.83
C VAL A 11 13.45 10.83 15.07
N PHE A 12 12.58 11.58 15.74
CA PHE A 12 11.35 12.04 15.11
C PHE A 12 11.58 13.25 14.23
N ASP A 13 12.41 14.20 14.67
CA ASP A 13 12.62 15.45 13.96
C ASP A 13 13.85 15.41 13.05
N ALA A 14 14.24 14.22 12.58
CA ALA A 14 15.35 14.12 11.65
C ALA A 14 14.96 14.71 10.30
N THR A 15 15.96 15.27 9.60
CA THR A 15 15.69 15.92 8.33
C THR A 15 15.32 14.89 7.25
N ARG A 16 16.07 13.80 7.17
CA ARG A 16 15.82 12.75 6.19
C ARG A 16 15.75 11.41 6.89
N PHE A 17 14.77 10.60 6.52
CA PHE A 17 14.62 9.25 7.04
C PHE A 17 15.25 8.24 6.08
N ALA A 18 15.45 7.04 6.59
CA ALA A 18 16.06 5.96 5.81
C ALA A 18 14.99 5.23 5.00
N SER A 19 15.44 4.62 3.90
CA SER A 19 14.57 3.75 3.13
C SER A 19 14.20 2.52 3.95
N VAL A 20 13.03 1.96 3.65
CA VAL A 20 12.53 0.84 4.45
C VAL A 20 13.42 -0.39 4.28
N TYR A 21 14.02 -0.58 3.10
CA TYR A 21 14.90 -1.73 2.91
C TYR A 21 16.18 -1.58 3.73
N ALA A 22 16.63 -0.34 3.94
CA ALA A 22 17.80 -0.06 4.76
C ALA A 22 17.39 0.70 6.01
N TRP A 23 16.43 0.16 6.76
CA TRP A 23 15.87 0.87 7.89
C TRP A 23 16.91 1.12 8.96
N ASN A 24 16.80 2.29 9.61
CA ASN A 24 17.77 2.74 10.60
C ASN A 24 17.31 2.37 12.00
N ARG A 25 18.26 1.93 12.82
CA ARG A 25 18.00 1.61 14.22
C ARG A 25 18.90 2.46 15.11
N LYS A 26 18.30 3.14 16.09
CA LYS A 26 19.03 3.93 17.07
C LYS A 26 18.80 3.36 18.46
N ARG A 27 19.88 3.04 19.16
CA ARG A 27 19.82 2.54 20.51
C ARG A 27 19.77 3.71 21.48
N ILE A 28 18.82 3.66 22.42
CA ILE A 28 18.65 4.69 23.43
C ILE A 28 18.65 4.02 24.79
N SER A 29 19.41 4.56 25.73
CA SER A 29 19.51 3.98 27.06
C SER A 29 19.94 5.05 28.05
N ASN A 30 19.60 4.81 29.33
CA ASN A 30 19.98 5.68 30.43
C ASN A 30 19.48 7.11 30.20
N CYS A 31 18.16 7.26 30.33
CA CYS A 31 17.52 8.55 30.11
C CYS A 31 16.16 8.52 30.80
N VAL A 32 15.25 9.40 30.38
CA VAL A 32 13.94 9.52 30.99
C VAL A 32 12.84 9.36 29.94
N LEU A 41 4.70 15.72 19.54
CA LEU A 41 3.43 15.14 19.12
C LEU A 41 3.02 15.65 17.74
N ALA A 42 2.36 14.77 16.98
CA ALA A 42 1.89 15.04 15.63
C ALA A 42 0.42 15.42 15.64
N PRO A 43 -0.05 16.14 14.60
CA PRO A 43 -1.48 16.50 14.54
C PRO A 43 -2.39 15.28 14.44
N PHE A 44 -2.29 14.55 13.33
CA PHE A 44 -3.00 13.29 13.14
C PHE A 44 -1.99 12.21 12.86
N PHE A 45 -2.12 11.07 13.54
CA PHE A 45 -1.11 10.03 13.47
C PHE A 45 -1.71 8.70 13.90
N THR A 46 -0.92 7.65 13.70
CA THR A 46 -1.24 6.30 14.14
C THR A 46 -0.31 5.93 15.29
N PHE A 47 -0.88 5.62 16.45
CA PHE A 47 -0.11 5.24 17.63
C PHE A 47 -0.80 4.06 18.28
N LYS A 48 -0.13 2.91 18.28
CA LYS A 48 -0.65 1.69 18.90
C LYS A 48 0.52 0.92 19.51
N CYS A 49 0.19 0.02 20.43
CA CYS A 49 1.19 -0.80 21.10
C CYS A 49 0.75 -2.26 21.10
N TYR A 50 1.73 -3.14 21.02
CA TYR A 50 1.51 -4.58 21.12
C TYR A 50 2.16 -5.12 22.38
N GLY A 51 1.44 -5.98 23.09
CA GLY A 51 1.93 -6.58 24.31
C GLY A 51 1.73 -5.75 25.57
N VAL A 52 1.54 -4.43 25.45
CA VAL A 52 1.39 -3.57 26.60
C VAL A 52 0.52 -2.38 26.20
N SER A 53 -0.20 -1.82 27.18
CA SER A 53 -1.02 -0.64 26.94
C SER A 53 -0.15 0.61 26.86
N PRO A 54 -0.49 1.58 26.00
CA PRO A 54 0.33 2.79 25.91
C PRO A 54 0.27 3.66 27.14
N THR A 55 -0.77 3.53 27.97
CA THR A 55 -0.80 4.27 29.23
C THR A 55 0.19 3.70 30.23
N LYS A 56 0.53 2.41 30.10
CA LYS A 56 1.44 1.75 31.01
C LYS A 56 2.90 1.82 30.59
N LEU A 57 3.19 2.25 29.35
CA LEU A 57 4.59 2.34 28.93
C LEU A 57 5.32 3.45 29.66
N ASN A 58 4.62 4.52 30.03
CA ASN A 58 5.24 5.59 30.80
C ASN A 58 5.62 5.13 32.21
N ASP A 59 5.03 4.05 32.69
CA ASP A 59 5.37 3.50 34.00
C ASP A 59 5.99 2.12 33.86
N LEU A 60 7.11 2.02 33.15
CA LEU A 60 7.78 0.73 32.97
C LEU A 60 9.25 1.00 32.68
N SER A 61 10.13 0.47 33.54
CA SER A 61 11.55 0.71 33.36
C SER A 61 12.15 -0.32 32.41
N PHE A 62 13.09 0.14 31.58
CA PHE A 62 13.78 -0.72 30.64
C PHE A 62 15.25 -0.33 30.60
N THR A 63 16.08 -1.27 30.13
CA THR A 63 17.51 -1.05 30.00
C THR A 63 17.87 -0.37 28.67
N ASN A 64 17.33 -0.88 27.56
CA ASN A 64 17.54 -0.28 26.26
C ASN A 64 16.22 -0.20 25.51
N VAL A 65 16.04 0.88 24.75
CA VAL A 65 14.91 1.03 23.84
C VAL A 65 15.47 1.30 22.46
N TYR A 66 15.05 0.49 21.48
CA TYR A 66 15.51 0.61 20.11
C TYR A 66 14.45 1.30 19.27
N ALA A 67 14.89 2.28 18.46
CA ALA A 67 14.00 3.08 17.62
C ALA A 67 14.33 2.80 16.16
N ASP A 68 13.41 2.12 15.48
CA ASP A 68 13.53 1.83 14.05
C ASP A 68 12.72 2.86 13.27
N SER A 69 13.35 3.50 12.29
CA SER A 69 12.72 4.56 11.52
C SER A 69 12.91 4.33 10.04
N PHE A 70 11.85 4.57 9.27
CA PHE A 70 11.87 4.42 7.82
C PHE A 70 10.64 5.12 7.24
N VAL A 71 10.49 5.04 5.93
CA VAL A 71 9.39 5.67 5.22
C VAL A 71 8.74 4.64 4.31
N ILE A 72 7.41 4.59 4.30
CA ILE A 72 6.63 3.69 3.46
C ILE A 72 5.42 4.46 2.94
N ARG A 73 4.58 3.76 2.16
CA ARG A 73 3.33 4.33 1.67
C ARG A 73 2.28 4.32 2.79
N GLY A 74 1.21 5.07 2.56
CA GLY A 74 0.12 5.09 3.52
C GLY A 74 -0.54 3.74 3.71
N ASP A 75 -0.83 3.05 2.60
CA ASP A 75 -1.54 1.78 2.68
C ASP A 75 -0.67 0.63 3.17
N GLU A 76 0.62 0.87 3.36
CA GLU A 76 1.53 -0.17 3.83
C GLU A 76 1.76 -0.14 5.33
N VAL A 77 1.20 0.87 6.02
CA VAL A 77 1.39 0.99 7.47
C VAL A 77 0.79 -0.20 8.21
N ARG A 78 -0.29 -0.79 7.68
CA ARG A 78 -0.88 -1.95 8.32
C ARG A 78 0.07 -3.15 8.36
N GLN A 79 1.07 -3.19 7.48
CA GLN A 79 2.03 -4.29 7.46
C GLN A 79 3.05 -4.20 8.58
N ILE A 80 3.14 -3.07 9.28
CA ILE A 80 4.12 -2.91 10.36
C ILE A 80 3.49 -3.44 11.64
N ALA A 81 3.29 -4.76 11.71
CA ALA A 81 2.61 -5.39 12.82
C ALA A 81 2.90 -6.88 12.77
N PRO A 82 2.87 -7.57 13.90
CA PRO A 82 3.16 -9.02 13.88
C PRO A 82 2.12 -9.78 13.09
N GLY A 83 2.59 -10.74 12.30
CA GLY A 83 1.69 -11.65 11.60
C GLY A 83 1.06 -11.11 10.33
N GLN A 84 1.71 -10.15 9.67
CA GLN A 84 1.21 -9.60 8.43
C GLN A 84 2.11 -10.01 7.27
N THR A 85 1.60 -9.82 6.05
CA THR A 85 2.34 -10.13 4.84
C THR A 85 2.20 -8.97 3.85
N GLY A 86 3.02 -9.00 2.82
CA GLY A 86 3.07 -7.93 1.84
C GLY A 86 4.50 -7.61 1.45
N ASN A 87 4.69 -6.69 0.50
CA ASN A 87 6.04 -6.40 0.04
C ASN A 87 6.92 -5.83 1.16
N ILE A 88 6.33 -5.05 2.07
CA ILE A 88 7.11 -4.44 3.14
C ILE A 88 7.44 -5.47 4.21
N ALA A 89 6.44 -6.23 4.66
CA ALA A 89 6.65 -7.17 5.75
C ALA A 89 7.51 -8.36 5.33
N ASP A 90 7.40 -8.79 4.07
CA ASP A 90 8.11 -9.97 3.61
C ASP A 90 9.51 -9.68 3.11
N TYR A 91 9.75 -8.49 2.55
CA TYR A 91 11.01 -8.19 1.88
C TYR A 91 11.78 -7.02 2.49
N ASN A 92 11.22 -6.30 3.46
CA ASN A 92 11.87 -5.08 3.92
C ASN A 92 11.99 -5.02 5.45
N TYR A 93 10.86 -5.03 6.16
CA TYR A 93 10.85 -4.88 7.61
C TYR A 93 9.81 -5.82 8.19
N LYS A 94 10.27 -6.79 8.99
CA LYS A 94 9.42 -7.83 9.54
C LYS A 94 9.50 -7.83 11.06
N LEU A 95 8.33 -7.96 11.70
CA LEU A 95 8.26 -8.01 13.16
C LEU A 95 7.93 -9.43 13.62
N PRO A 96 8.47 -9.87 14.75
CA PRO A 96 8.19 -11.23 15.22
C PRO A 96 6.78 -11.33 15.78
N ASP A 97 6.28 -12.57 15.82
CA ASP A 97 4.91 -12.80 16.28
C ASP A 97 4.72 -12.39 17.74
N ASP A 98 5.78 -12.47 18.54
CA ASP A 98 5.73 -12.07 19.95
C ASP A 98 6.24 -10.65 20.16
N PHE A 99 5.96 -9.75 19.21
CA PHE A 99 6.47 -8.39 19.30
C PHE A 99 5.84 -7.66 20.48
N THR A 100 6.68 -7.05 21.31
CA THR A 100 6.25 -6.24 22.44
C THR A 100 6.83 -4.85 22.24
N GLY A 101 5.98 -3.92 21.80
CA GLY A 101 6.42 -2.57 21.55
C GLY A 101 5.28 -1.76 20.97
N CYS A 102 5.62 -0.56 20.49
CA CYS A 102 4.64 0.36 19.92
CA CYS A 102 4.63 0.33 19.91
C CYS A 102 5.05 0.74 18.50
N VAL A 103 4.04 1.09 17.69
CA VAL A 103 4.23 1.50 16.31
C VAL A 103 3.64 2.89 16.15
N ILE A 104 4.44 3.82 15.61
CA ILE A 104 4.03 5.20 15.40
C ILE A 104 4.23 5.53 13.93
N ALA A 105 3.22 6.14 13.31
CA ALA A 105 3.31 6.54 11.91
C ALA A 105 2.49 7.80 11.70
N TRP A 106 3.06 8.76 10.96
CA TRP A 106 2.40 10.03 10.71
C TRP A 106 2.67 10.46 9.27
N ASN A 107 1.76 11.29 8.76
CA ASN A 107 1.85 11.73 7.37
C ASN A 107 2.99 12.71 7.17
N SER A 108 3.80 12.46 6.15
CA SER A 108 4.92 13.33 5.81
C SER A 108 4.89 13.70 4.34
N ASN A 109 3.70 14.01 3.83
CA ASN A 109 3.57 14.35 2.41
C ASN A 109 4.24 15.68 2.09
N LYS A 110 4.24 16.62 3.03
CA LYS A 110 4.84 17.93 2.78
C LYS A 110 6.36 17.88 2.75
N LEU A 111 6.96 16.83 3.30
CA LEU A 111 8.42 16.73 3.37
C LEU A 111 9.01 15.77 2.36
N ASP A 112 8.31 14.70 2.01
CA ASP A 112 8.89 13.62 1.20
C ASP A 112 8.16 13.43 -0.13
N SER A 113 7.59 14.51 -0.68
CA SER A 113 6.93 14.45 -1.98
C SER A 113 7.41 15.60 -2.84
N LYS A 114 7.83 15.29 -4.06
CA LYS A 114 8.21 16.29 -5.05
C LYS A 114 7.32 16.14 -6.28
N VAL A 115 7.02 17.27 -6.93
CA VAL A 115 6.20 17.24 -8.14
C VAL A 115 6.89 16.40 -9.20
N SER A 116 8.21 16.49 -9.31
CA SER A 116 8.97 15.67 -10.23
C SER A 116 9.33 14.31 -9.66
N GLY A 117 8.89 14.00 -8.44
CA GLY A 117 9.16 12.70 -7.85
C GLY A 117 10.30 12.72 -6.86
N ASN A 118 10.03 12.25 -5.64
CA ASN A 118 11.05 12.15 -4.60
C ASN A 118 11.66 10.75 -4.66
N TYR A 119 12.93 10.68 -5.05
CA TYR A 119 13.62 9.40 -5.25
C TYR A 119 14.58 9.07 -4.11
N ASN A 120 14.35 9.64 -2.91
CA ASN A 120 15.16 9.32 -1.75
C ASN A 120 14.81 7.97 -1.15
N TYR A 121 13.59 7.48 -1.35
CA TYR A 121 13.09 6.30 -0.64
C TYR A 121 12.80 5.18 -1.62
N LEU A 122 13.30 3.99 -1.30
CA LEU A 122 13.11 2.80 -2.11
C LEU A 122 12.66 1.65 -1.21
N TYR A 123 12.16 0.59 -1.85
CA TYR A 123 11.80 -0.64 -1.15
C TYR A 123 12.23 -1.82 -2.00
N ARG A 124 12.46 -2.96 -1.34
CA ARG A 124 12.83 -4.18 -2.03
C ARG A 124 11.59 -4.83 -2.65
N LEU A 125 11.60 -4.97 -3.97
CA LEU A 125 10.45 -5.49 -4.70
C LEU A 125 10.58 -6.98 -5.05
N PHE A 126 11.79 -7.52 -5.08
CA PHE A 126 12.02 -8.92 -5.40
C PHE A 126 13.00 -9.52 -4.41
N ARG A 127 12.76 -10.78 -4.02
CA ARG A 127 13.68 -11.48 -3.14
C ARG A 127 13.38 -12.97 -3.23
N LYS A 128 14.40 -13.79 -2.96
CA LYS A 128 14.23 -15.23 -3.12
C LYS A 128 13.44 -15.83 -1.97
N SER A 129 13.45 -15.18 -0.80
CA SER A 129 12.74 -15.69 0.36
C SER A 129 12.35 -14.52 1.25
N ASN A 130 11.47 -14.81 2.22
CA ASN A 130 10.99 -13.80 3.14
C ASN A 130 12.03 -13.51 4.22
N LEU A 131 11.90 -12.33 4.82
CA LEU A 131 12.82 -11.89 5.86
C LEU A 131 12.45 -12.49 7.20
N LYS A 132 13.48 -12.85 7.98
CA LYS A 132 13.29 -13.17 9.38
C LYS A 132 13.01 -11.87 10.15
N PRO A 133 12.47 -11.98 11.37
CA PRO A 133 12.18 -10.75 12.13
C PRO A 133 13.44 -9.93 12.38
N PHE A 134 13.33 -8.62 12.17
CA PHE A 134 14.40 -7.66 12.37
C PHE A 134 15.61 -7.92 11.48
N GLU A 135 15.42 -8.61 10.36
CA GLU A 135 16.50 -8.83 9.41
C GLU A 135 16.58 -7.67 8.42
N ARG A 136 17.81 -7.26 8.10
CA ARG A 136 18.04 -6.18 7.14
C ARG A 136 18.83 -6.73 5.95
N ASP A 137 18.37 -6.38 4.74
CA ASP A 137 19.00 -6.81 3.50
C ASP A 137 19.22 -5.58 2.64
N ILE A 138 20.48 -5.16 2.51
CA ILE A 138 20.83 -3.98 1.71
C ILE A 138 21.52 -4.35 0.41
N SER A 139 21.59 -5.65 0.08
CA SER A 139 22.24 -6.08 -1.14
C SER A 139 21.50 -5.56 -2.37
N THR A 140 22.22 -5.52 -3.48
CA THR A 140 21.68 -5.10 -4.77
C THR A 140 22.04 -6.09 -5.87
N GLU A 141 22.05 -7.38 -5.53
CA GLU A 141 22.32 -8.41 -6.53
C GLU A 141 21.16 -8.54 -7.49
N ILE A 142 21.47 -8.80 -8.76
CA ILE A 142 20.45 -8.94 -9.79
C ILE A 142 19.59 -10.16 -9.50
N TYR A 143 18.28 -9.96 -9.45
CA TYR A 143 17.34 -11.03 -9.12
C TYR A 143 17.00 -11.83 -10.37
N GLN A 144 17.19 -13.14 -10.30
CA GLN A 144 16.93 -14.05 -11.42
C GLN A 144 15.48 -14.53 -11.36
N ALA A 145 14.67 -14.08 -12.30
CA ALA A 145 13.26 -14.47 -12.34
C ALA A 145 12.98 -15.64 -13.27
N GLY A 146 13.86 -15.92 -14.22
CA GLY A 146 13.69 -17.01 -15.15
C GLY A 146 14.54 -18.21 -14.80
N ASN A 147 14.82 -19.03 -15.81
CA ASN A 147 15.65 -20.22 -15.64
C ASN A 147 17.11 -19.99 -16.05
N LYS A 148 17.41 -18.90 -16.75
CA LYS A 148 18.77 -18.60 -17.18
C LYS A 148 19.45 -17.66 -16.20
N PRO A 149 20.75 -17.82 -16.00
CA PRO A 149 21.47 -16.92 -15.08
C PRO A 149 21.56 -15.51 -15.65
N CYS A 150 21.79 -14.56 -14.74
CA CYS A 150 21.87 -13.15 -15.11
C CYS A 150 23.30 -12.61 -15.18
N ASN A 151 24.21 -13.18 -14.38
CA ASN A 151 25.62 -12.77 -14.36
C ASN A 151 25.78 -11.29 -14.06
N GLY A 152 24.89 -10.75 -13.23
CA GLY A 152 24.98 -9.35 -12.86
C GLY A 152 24.57 -8.37 -13.93
N VAL A 153 23.80 -8.81 -14.92
CA VAL A 153 23.33 -7.94 -16.00
C VAL A 153 21.81 -7.89 -15.93
N ALA A 154 21.28 -6.68 -15.69
CA ALA A 154 19.84 -6.50 -15.63
C ALA A 154 19.23 -6.60 -17.03
N GLY A 155 18.08 -7.27 -17.11
CA GLY A 155 17.40 -7.44 -18.37
C GLY A 155 16.15 -8.30 -18.25
N PHE A 156 15.80 -9.01 -19.31
CA PHE A 156 14.62 -9.87 -19.28
C PHE A 156 14.79 -10.97 -18.25
N ASN A 157 13.83 -11.07 -17.33
CA ASN A 157 13.87 -11.99 -16.20
C ASN A 157 15.10 -11.78 -15.31
N CYS A 158 15.68 -10.60 -15.35
CA CYS A 158 16.84 -10.24 -14.52
C CYS A 158 16.59 -8.84 -13.98
N TYR A 159 16.05 -8.79 -12.76
CA TYR A 159 15.55 -7.54 -12.20
C TYR A 159 16.52 -6.96 -11.18
N PHE A 160 16.65 -5.65 -11.20
CA PHE A 160 17.22 -4.94 -10.07
C PHE A 160 16.22 -5.00 -8.91
N PRO A 161 16.64 -5.49 -7.73
CA PRO A 161 15.65 -5.82 -6.69
C PRO A 161 15.05 -4.62 -5.99
N LEU A 162 15.58 -3.42 -6.15
CA LEU A 162 15.07 -2.24 -5.47
C LEU A 162 14.22 -1.41 -6.42
N GLN A 163 13.18 -0.79 -5.86
CA GLN A 163 12.23 0.01 -6.63
C GLN A 163 11.98 1.32 -5.91
N SER A 164 11.87 2.41 -6.67
CA SER A 164 11.61 3.72 -6.11
C SER A 164 10.11 3.92 -5.89
N TYR A 165 9.77 4.63 -4.81
CA TYR A 165 8.38 5.05 -4.62
C TYR A 165 8.01 6.15 -5.59
N GLY A 166 8.88 7.16 -5.72
CA GLY A 166 8.62 8.30 -6.57
C GLY A 166 7.45 9.13 -6.08
N PHE A 167 7.48 9.51 -4.81
CA PHE A 167 6.35 10.19 -4.20
C PHE A 167 6.06 11.51 -4.90
N ARG A 168 4.80 11.73 -5.25
CA ARG A 168 4.31 12.98 -5.79
C ARG A 168 3.25 13.56 -4.87
N PRO A 169 3.18 14.89 -4.74
CA PRO A 169 2.27 15.49 -3.76
C PRO A 169 0.79 15.33 -4.11
N THR A 170 0.45 14.97 -5.34
CA THR A 170 -0.93 14.82 -5.75
C THR A 170 -1.46 13.40 -5.61
N TYR A 171 -0.66 12.47 -5.11
CA TYR A 171 -1.12 11.11 -4.90
C TYR A 171 -2.21 11.06 -3.82
N GLY A 172 -2.92 9.93 -3.77
CA GLY A 172 -3.92 9.73 -2.75
C GLY A 172 -3.31 9.49 -1.39
N VAL A 173 -4.17 9.55 -0.37
CA VAL A 173 -3.71 9.42 1.02
C VAL A 173 -3.04 8.07 1.24
N GLY A 174 -3.54 7.01 0.58
CA GLY A 174 -2.91 5.71 0.69
C GLY A 174 -1.56 5.61 0.01
N HIS A 175 -1.28 6.51 -0.93
CA HIS A 175 -0.02 6.52 -1.67
C HIS A 175 0.96 7.57 -1.18
N GLN A 176 0.58 8.39 -0.21
CA GLN A 176 1.46 9.44 0.29
C GLN A 176 2.53 8.84 1.22
N PRO A 177 3.70 9.47 1.30
CA PRO A 177 4.76 8.92 2.17
C PRO A 177 4.41 9.10 3.64
N TYR A 178 4.81 8.11 4.43
CA TYR A 178 4.54 8.11 5.87
C TYR A 178 5.82 7.72 6.62
N ARG A 179 6.18 8.53 7.61
CA ARG A 179 7.32 8.23 8.46
C ARG A 179 6.87 7.33 9.60
N VAL A 180 7.60 6.23 9.81
CA VAL A 180 7.25 5.22 10.79
C VAL A 180 8.36 5.12 11.82
N VAL A 181 7.96 4.97 13.09
CA VAL A 181 8.91 4.74 14.19
C VAL A 181 8.43 3.54 14.99
N VAL A 182 9.31 2.55 15.15
CA VAL A 182 9.01 1.32 15.89
C VAL A 182 9.89 1.28 17.12
N LEU A 183 9.27 1.11 18.29
CA LEU A 183 9.98 1.13 19.57
C LEU A 183 9.98 -0.27 20.16
N SER A 184 11.15 -0.88 20.26
CA SER A 184 11.34 -2.15 20.95
C SER A 184 11.98 -1.89 22.31
N PHE A 185 11.70 -2.78 23.27
CA PHE A 185 12.14 -2.60 24.64
C PHE A 185 12.91 -3.83 25.11
N GLU A 186 14.01 -3.58 25.82
CA GLU A 186 14.85 -4.63 26.37
C GLU A 186 15.09 -4.33 27.85
N LEU A 187 14.83 -5.33 28.70
CA LEU A 187 15.03 -5.17 30.13
C LEU A 187 15.29 -6.53 30.79
N GLN B 3 -8.49 -17.61 9.38
CA GLN B 3 -7.92 -16.38 9.90
C GLN B 3 -9.00 -15.46 10.44
N VAL B 4 -8.67 -14.17 10.57
CA VAL B 4 -9.60 -13.19 11.10
C VAL B 4 -10.56 -12.76 10.01
N GLN B 5 -11.85 -12.68 10.34
CA GLN B 5 -12.88 -12.32 9.37
C GLN B 5 -13.92 -11.42 10.03
N LEU B 6 -14.29 -10.34 9.34
CA LEU B 6 -15.27 -9.39 9.83
C LEU B 6 -16.47 -9.32 8.89
N VAL B 7 -17.66 -9.22 9.47
CA VAL B 7 -18.91 -9.07 8.71
C VAL B 7 -19.78 -8.05 9.44
N GLU B 8 -19.97 -6.87 8.83
CA GLU B 8 -20.85 -5.86 9.38
C GLU B 8 -22.24 -5.99 8.77
N THR B 9 -23.27 -5.93 9.63
CA THR B 9 -24.65 -5.88 9.19
C THR B 9 -25.40 -4.88 10.05
N GLY B 10 -26.64 -4.59 9.65
CA GLY B 10 -27.54 -3.73 10.42
C GLY B 10 -27.94 -2.45 9.71
N GLY B 11 -27.20 -2.03 8.68
CA GLY B 11 -27.55 -0.81 7.99
C GLY B 11 -28.91 -0.90 7.32
N ASP B 12 -29.59 0.24 7.29
CA ASP B 12 -30.95 0.30 6.74
C ASP B 12 -31.31 1.76 6.52
N LEU B 13 -32.37 1.97 5.75
CA LEU B 13 -32.90 3.31 5.52
C LEU B 13 -33.73 3.73 6.72
N VAL B 14 -33.33 4.83 7.36
CA VAL B 14 -33.97 5.32 8.57
C VAL B 14 -34.21 6.82 8.45
N GLN B 15 -35.22 7.32 9.15
CA GLN B 15 -35.52 8.74 9.10
C GLN B 15 -34.66 9.51 10.10
N SER B 16 -34.69 10.82 9.98
CA SER B 16 -33.94 11.68 10.89
C SER B 16 -34.49 11.57 12.31
N GLY B 17 -33.60 11.49 13.28
CA GLY B 17 -33.97 11.33 14.67
C GLY B 17 -34.15 9.89 15.13
N GLY B 18 -34.08 8.92 14.23
CA GLY B 18 -34.27 7.54 14.57
C GLY B 18 -33.00 6.90 15.12
N SER B 19 -33.05 5.58 15.23
CA SER B 19 -31.95 4.80 15.79
C SER B 19 -31.66 3.61 14.88
N LEU B 20 -30.48 3.01 15.09
CA LEU B 20 -30.05 1.87 14.30
C LEU B 20 -28.92 1.16 15.03
N ARG B 21 -28.95 -0.17 15.03
CA ARG B 21 -27.96 -0.99 15.71
C ARG B 21 -27.16 -1.78 14.69
N LEU B 22 -25.84 -1.59 14.69
CA LEU B 22 -24.94 -2.25 13.76
C LEU B 22 -24.19 -3.39 14.45
N ALA B 23 -24.04 -4.51 13.75
CA ALA B 23 -23.39 -5.69 14.29
C ALA B 23 -22.16 -6.03 13.46
N CYS B 24 -21.10 -6.48 14.14
CA CYS B 24 -19.84 -6.88 13.52
C CYS B 24 -19.43 -8.21 14.12
N VAL B 25 -19.65 -9.29 13.39
CA VAL B 25 -19.42 -10.65 13.89
C VAL B 25 -17.97 -11.05 13.60
N LEU B 26 -17.20 -11.30 14.66
CA LEU B 26 -15.85 -11.79 14.51
C LEU B 26 -15.87 -13.30 14.27
N SER B 27 -15.02 -13.76 13.35
CA SER B 27 -14.91 -15.18 13.06
C SER B 27 -13.43 -15.58 13.05
N GLY B 28 -13.15 -16.76 13.61
CA GLY B 28 -11.82 -17.32 13.60
C GLY B 28 -10.96 -16.98 14.79
N VAL B 29 -11.31 -15.95 15.56
CA VAL B 29 -10.53 -15.50 16.71
C VAL B 29 -11.49 -15.12 17.83
N THR B 30 -10.90 -14.78 18.98
CA THR B 30 -11.67 -14.43 20.17
C THR B 30 -11.86 -12.92 20.25
N LEU B 31 -13.08 -12.50 20.58
CA LEU B 31 -13.40 -11.07 20.61
C LEU B 31 -12.62 -10.34 21.69
N ASP B 32 -12.39 -11.01 22.84
CA ASP B 32 -11.71 -10.34 23.95
C ASP B 32 -10.26 -10.01 23.64
N SER B 33 -9.64 -10.69 22.69
CA SER B 33 -8.23 -10.49 22.38
C SER B 33 -8.01 -9.54 21.21
N TYR B 34 -9.04 -8.81 20.79
CA TYR B 34 -8.93 -7.89 19.67
C TYR B 34 -9.62 -6.57 20.01
N SER B 35 -9.04 -5.47 19.55
CA SER B 35 -9.65 -4.16 19.68
C SER B 35 -10.49 -3.87 18.44
N ILE B 36 -11.69 -3.34 18.66
CA ILE B 36 -12.66 -3.10 17.60
C ILE B 36 -12.80 -1.60 17.38
N GLY B 37 -12.77 -1.20 16.11
CA GLY B 37 -12.98 0.20 15.76
C GLY B 37 -14.00 0.32 14.64
N TRP B 38 -14.88 1.30 14.77
CA TRP B 38 -15.91 1.56 13.78
C TRP B 38 -15.55 2.78 12.94
N PHE B 39 -15.75 2.66 11.63
CA PHE B 39 -15.43 3.71 10.67
C PHE B 39 -16.62 3.95 9.77
N ARG B 40 -16.69 5.16 9.20
CA ARG B 40 -17.71 5.47 8.21
C ARG B 40 -17.06 6.24 7.06
N GLN B 41 -17.66 6.10 5.87
CA GLN B 41 -17.15 6.71 4.65
C GLN B 41 -18.30 7.44 3.95
N ALA B 42 -18.26 8.77 3.98
CA ALA B 42 -19.19 9.58 3.21
C ALA B 42 -18.78 9.58 1.74
N PRO B 43 -19.72 9.84 0.83
CA PRO B 43 -19.38 9.87 -0.60
C PRO B 43 -18.33 10.93 -0.89
N GLY B 44 -17.27 10.52 -1.60
CA GLY B 44 -16.18 11.41 -1.94
C GLY B 44 -15.18 11.65 -0.84
N LYS B 45 -15.43 11.17 0.38
CA LYS B 45 -14.53 11.37 1.50
C LYS B 45 -13.84 10.06 1.86
N GLU B 46 -12.80 10.17 2.68
CA GLU B 46 -12.05 9.00 3.12
C GLU B 46 -12.77 8.29 4.26
N ARG B 47 -12.28 7.10 4.59
CA ARG B 47 -12.84 6.29 5.67
C ARG B 47 -12.37 6.88 7.01
N GLU B 48 -13.31 7.43 7.78
CA GLU B 48 -12.99 8.16 9.01
C GLU B 48 -13.51 7.41 10.22
N GLY B 49 -12.72 7.42 11.30
CA GLY B 49 -13.07 6.69 12.50
C GLY B 49 -14.18 7.36 13.30
N ILE B 50 -14.91 6.54 14.06
CA ILE B 50 -16.06 7.01 14.84
C ILE B 50 -15.89 6.61 16.29
N SER B 51 -15.56 5.33 16.52
CA SER B 51 -15.57 4.77 17.86
C SER B 51 -14.47 3.74 17.97
N TYR B 52 -14.04 3.51 19.21
CA TYR B 52 -12.93 2.60 19.50
C TYR B 52 -13.25 1.83 20.76
N SER B 53 -13.10 0.51 20.70
CA SER B 53 -13.37 -0.38 21.84
C SER B 53 -12.12 -1.23 22.07
N GLU B 54 -11.34 -0.88 23.08
CA GLU B 54 -10.10 -1.59 23.36
C GLU B 54 -10.39 -2.97 23.92
N LYS B 55 -9.54 -3.93 23.56
CA LYS B 55 -9.66 -5.29 24.08
C LYS B 55 -9.33 -5.33 25.57
N SER B 56 -9.66 -6.45 26.19
CA SER B 56 -9.35 -6.72 27.60
C SER B 56 -9.95 -5.65 28.51
N SER B 57 -11.23 -5.35 28.29
CA SER B 57 -11.98 -4.39 29.09
C SER B 57 -11.30 -3.02 29.12
N GLY B 58 -10.64 -2.65 28.02
CA GLY B 58 -10.00 -1.37 27.93
C GLY B 58 -10.98 -0.23 27.76
N PRO B 59 -10.46 0.98 27.67
CA PRO B 59 -11.33 2.15 27.53
C PRO B 59 -12.02 2.20 26.17
N THR B 60 -13.07 3.00 26.10
CA THR B 60 -13.79 3.25 24.86
C THR B 60 -13.67 4.73 24.51
N TYR B 61 -13.39 5.01 23.24
CA TYR B 61 -13.21 6.38 22.77
C TYR B 61 -14.17 6.65 21.61
N TYR B 62 -14.75 7.85 21.61
CA TYR B 62 -15.64 8.31 20.56
C TYR B 62 -15.19 9.67 20.07
N VAL B 63 -15.48 9.96 18.80
CA VAL B 63 -15.20 11.27 18.23
C VAL B 63 -16.23 12.25 18.75
N ASP B 64 -15.97 13.55 18.57
CA ASP B 64 -16.86 14.57 19.13
C ASP B 64 -18.20 14.63 18.41
N SER B 65 -18.26 14.21 17.15
CA SER B 65 -19.50 14.35 16.38
C SER B 65 -20.56 13.34 16.80
N VAL B 66 -20.15 12.19 17.35
CA VAL B 66 -21.08 11.14 17.75
C VAL B 66 -21.13 10.97 19.26
N LYS B 67 -20.35 11.75 20.01
CA LYS B 67 -20.33 11.62 21.46
C LYS B 67 -21.72 11.81 22.04
N GLY B 68 -22.12 10.91 22.95
CA GLY B 68 -23.42 10.96 23.56
C GLY B 68 -24.55 10.35 22.76
N ARG B 69 -24.39 10.21 21.45
CA ARG B 69 -25.41 9.61 20.61
C ARG B 69 -25.07 8.19 20.17
N PHE B 70 -23.79 7.84 20.10
CA PHE B 70 -23.36 6.50 19.70
C PHE B 70 -22.80 5.76 20.91
N THR B 71 -22.93 4.43 20.88
CA THR B 71 -22.48 3.59 21.97
C THR B 71 -21.99 2.26 21.40
N VAL B 72 -20.89 1.76 21.96
CA VAL B 72 -20.27 0.50 21.53
C VAL B 72 -20.39 -0.51 22.66
N SER B 73 -20.67 -1.76 22.29
CA SER B 73 -20.77 -2.84 23.27
C SER B 73 -20.16 -4.10 22.69
N ARG B 74 -20.01 -5.11 23.55
CA ARG B 74 -19.39 -6.38 23.18
C ARG B 74 -20.22 -7.53 23.74
N ASP B 75 -20.35 -8.59 22.94
CA ASP B 75 -21.06 -9.81 23.35
C ASP B 75 -20.10 -10.97 23.13
N ASN B 76 -19.39 -11.37 24.20
CA ASN B 76 -18.43 -12.45 24.08
C ASN B 76 -19.11 -13.78 23.80
N ALA B 77 -20.37 -13.94 24.22
CA ALA B 77 -21.10 -15.17 23.95
C ALA B 77 -21.36 -15.34 22.45
N LYS B 78 -21.67 -14.25 21.77
CA LYS B 78 -21.90 -14.26 20.33
C LYS B 78 -20.70 -13.81 19.53
N ASN B 79 -19.58 -13.48 20.19
CA ASN B 79 -18.35 -13.05 19.53
C ASN B 79 -18.61 -11.87 18.60
N THR B 80 -19.45 -10.94 19.04
CA THR B 80 -19.96 -9.87 18.19
C THR B 80 -19.84 -8.53 18.91
N ALA B 81 -19.37 -7.53 18.17
CA ALA B 81 -19.31 -6.16 18.66
C ALA B 81 -20.45 -5.35 18.03
N TYR B 82 -21.08 -4.51 18.84
CA TYR B 82 -22.23 -3.73 18.41
C TYR B 82 -21.90 -2.24 18.43
N LEU B 83 -22.71 -1.48 17.69
CA LEU B 83 -22.59 -0.01 17.65
C LEU B 83 -24.01 0.55 17.63
N GLN B 84 -24.45 1.06 18.78
CA GLN B 84 -25.78 1.65 18.92
C GLN B 84 -25.73 3.11 18.50
N MET B 85 -26.56 3.47 17.52
CA MET B 85 -26.58 4.81 16.94
C MET B 85 -27.96 5.41 17.17
N ASN B 86 -28.04 6.40 18.06
CA ASN B 86 -29.30 7.07 18.39
C ASN B 86 -29.29 8.50 17.90
N SER B 87 -30.49 9.03 17.68
CA SER B 87 -30.73 10.41 17.23
C SER B 87 -29.87 10.73 16.01
N LEU B 88 -30.03 9.91 14.98
CA LEU B 88 -29.26 10.06 13.75
C LEU B 88 -29.64 11.33 13.01
N LYS B 89 -28.70 11.81 12.21
CA LYS B 89 -28.85 13.01 11.39
C LYS B 89 -28.47 12.67 9.96
N PRO B 90 -28.99 13.42 8.99
CA PRO B 90 -28.60 13.17 7.58
C PRO B 90 -27.09 13.27 7.34
N GLU B 91 -26.36 13.99 8.18
CA GLU B 91 -24.91 14.07 8.07
C GLU B 91 -24.20 12.81 8.54
N ASP B 92 -24.92 11.84 9.10
CA ASP B 92 -24.35 10.57 9.53
C ASP B 92 -24.37 9.52 8.44
N SER B 93 -24.87 9.84 7.25
CA SER B 93 -25.01 8.86 6.19
C SER B 93 -23.63 8.41 5.69
N GLY B 94 -23.62 7.24 5.04
CA GLY B 94 -22.40 6.70 4.49
C GLY B 94 -22.28 5.20 4.70
N ILE B 95 -21.15 4.63 4.30
CA ILE B 95 -20.88 3.22 4.47
C ILE B 95 -20.08 3.03 5.75
N TYR B 96 -20.55 2.14 6.61
CA TYR B 96 -19.95 1.93 7.93
C TYR B 96 -19.20 0.60 7.95
N TYR B 97 -17.93 0.64 8.37
CA TYR B 97 -17.09 -0.54 8.49
C TYR B 97 -16.68 -0.76 9.93
N CYS B 98 -16.36 -2.00 10.29
CA CYS B 98 -15.68 -2.31 11.52
C CYS B 98 -14.27 -2.81 11.22
N ALA B 99 -13.38 -2.64 12.18
CA ALA B 99 -12.00 -3.07 12.05
C ALA B 99 -11.56 -3.75 13.34
N ALA B 100 -10.54 -4.61 13.22
CA ALA B 100 -10.04 -5.39 14.34
C ALA B 100 -8.53 -5.36 14.36
N ASP B 101 -7.96 -5.33 15.57
CA ASP B 101 -6.52 -5.26 15.74
C ASP B 101 -6.17 -5.67 17.16
N GLU B 102 -5.15 -6.51 17.30
CA GLU B 102 -4.68 -6.97 18.59
C GLU B 102 -3.85 -5.92 19.33
N ALA B 103 -3.87 -4.67 18.89
CA ALA B 103 -3.01 -3.64 19.44
C ALA B 103 -3.78 -2.74 20.41
N TYR B 104 -3.06 -2.28 21.43
CA TYR B 104 -3.57 -1.25 22.34
C TYR B 104 -3.28 0.10 21.71
N TYR B 105 -4.33 0.82 21.31
CA TYR B 105 -4.17 2.10 20.64
C TYR B 105 -4.08 3.25 21.63
N HIS B 106 -3.52 4.36 21.17
CA HIS B 106 -3.53 5.61 21.90
C HIS B 106 -4.87 6.32 21.70
N GLU B 107 -5.19 7.22 22.62
CA GLU B 107 -6.47 7.92 22.57
C GLU B 107 -6.63 8.74 21.29
N LYS B 108 -5.53 9.32 20.79
CA LYS B 108 -5.57 10.14 19.59
C LYS B 108 -4.86 9.48 18.41
N GLY B 109 -4.67 8.16 18.45
CA GLY B 109 -3.95 7.47 17.39
C GLY B 109 -4.68 6.32 16.76
N TRP B 110 -6.01 6.28 16.92
CA TRP B 110 -6.83 5.21 16.35
C TRP B 110 -7.77 5.72 15.26
N GLN B 111 -8.01 7.02 15.16
CA GLN B 111 -8.98 7.54 14.22
C GLN B 111 -8.56 7.33 12.77
N SER B 112 -7.28 7.10 12.52
CA SER B 112 -6.84 6.87 11.15
C SER B 112 -7.07 5.41 10.76
N PRO B 113 -7.61 5.13 9.57
CA PRO B 113 -7.82 3.74 9.17
C PRO B 113 -6.57 3.03 8.68
N LEU B 114 -5.48 3.77 8.45
CA LEU B 114 -4.29 3.18 7.86
C LEU B 114 -3.61 2.18 8.78
N GLY B 115 -3.82 2.28 10.10
CA GLY B 115 -3.16 1.39 11.03
C GLY B 115 -3.85 0.07 11.29
N TRP B 116 -5.11 -0.10 10.85
CA TRP B 116 -5.88 -1.30 11.14
C TRP B 116 -5.68 -2.34 10.05
N PRO B 117 -5.34 -3.58 10.41
CA PRO B 117 -5.04 -4.60 9.39
C PRO B 117 -6.26 -5.39 8.91
N TYR B 118 -7.25 -5.58 9.78
CA TYR B 118 -8.40 -6.42 9.47
C TYR B 118 -9.64 -5.55 9.33
N TRP B 119 -10.36 -5.73 8.21
CA TRP B 119 -11.52 -4.92 7.89
C TRP B 119 -12.68 -5.80 7.45
N GLY B 120 -13.89 -5.30 7.65
CA GLY B 120 -15.09 -5.90 7.10
C GLY B 120 -15.35 -5.42 5.68
N GLN B 121 -16.63 -5.39 5.31
CA GLN B 121 -17.01 -5.03 3.95
C GLN B 121 -17.99 -3.86 3.88
N GLY B 122 -18.49 -3.37 4.99
CA GLY B 122 -19.28 -2.15 5.00
C GLY B 122 -20.77 -2.42 4.93
N THR B 123 -21.55 -1.47 5.46
CA THR B 123 -23.00 -1.52 5.40
C THR B 123 -23.53 -0.09 5.30
N GLN B 124 -24.47 0.13 4.39
CA GLN B 124 -24.94 1.47 4.09
C GLN B 124 -25.97 1.93 5.13
N VAL B 125 -25.83 3.18 5.58
CA VAL B 125 -26.75 3.81 6.50
C VAL B 125 -27.24 5.10 5.84
N THR B 126 -28.52 5.16 5.51
CA THR B 126 -29.11 6.31 4.87
C THR B 126 -30.10 6.98 5.81
N VAL B 127 -29.93 8.28 6.03
CA VAL B 127 -30.77 9.06 6.91
C VAL B 127 -31.39 10.18 6.09
N SER B 128 -32.69 10.05 5.81
CA SER B 128 -33.39 11.06 5.03
C SER B 128 -33.69 12.29 5.89
N SER B 129 -33.76 13.44 5.22
CA SER B 129 -33.94 14.71 5.90
C SER B 129 -35.41 14.91 6.26
N THR B 130 -35.76 16.13 6.67
CA THR B 130 -37.13 16.45 7.05
C THR B 130 -37.50 17.87 6.63
N GLN C 3 -4.19 12.84 -12.54
CA GLN C 3 -3.79 11.44 -12.53
C GLN C 3 -3.27 11.01 -13.91
N VAL C 4 -2.43 9.99 -13.93
CA VAL C 4 -1.82 9.52 -15.17
C VAL C 4 -2.86 8.81 -16.02
N GLN C 5 -2.85 9.10 -17.32
CA GLN C 5 -3.71 8.44 -18.28
C GLN C 5 -2.85 7.83 -19.39
N LEU C 6 -3.10 6.55 -19.67
CA LEU C 6 -2.44 5.83 -20.77
C LEU C 6 -3.54 5.27 -21.66
N VAL C 7 -3.66 5.81 -22.87
CA VAL C 7 -4.71 5.41 -23.81
C VAL C 7 -4.05 4.84 -25.06
N GLU C 8 -4.43 3.62 -25.42
CA GLU C 8 -3.86 2.94 -26.56
C GLU C 8 -4.67 3.21 -27.82
N SER C 9 -4.00 3.08 -28.97
CA SER C 9 -4.63 3.16 -30.27
C SER C 9 -3.96 2.16 -31.20
N GLY C 10 -4.65 1.83 -32.28
CA GLY C 10 -4.17 0.85 -33.22
C GLY C 10 -4.61 -0.56 -32.88
N GLY C 11 -4.15 -1.51 -33.68
CA GLY C 11 -4.50 -2.90 -33.48
C GLY C 11 -5.57 -3.37 -34.45
N GLY C 12 -6.04 -4.58 -34.21
CA GLY C 12 -7.05 -5.16 -35.08
C GLY C 12 -6.66 -6.51 -35.67
N LEU C 13 -7.29 -6.87 -36.79
CA LEU C 13 -7.04 -8.14 -37.46
C LEU C 13 -6.00 -7.97 -38.55
N VAL C 14 -5.06 -8.91 -38.62
CA VAL C 14 -4.00 -8.87 -39.62
C VAL C 14 -3.56 -10.30 -39.90
N GLN C 15 -3.27 -10.59 -41.17
CA GLN C 15 -2.82 -11.92 -41.56
C GLN C 15 -1.38 -12.13 -41.13
N PRO C 16 -0.95 -13.38 -40.97
CA PRO C 16 0.43 -13.65 -40.55
C PRO C 16 1.44 -13.07 -41.52
N GLY C 17 2.55 -12.59 -40.96
CA GLY C 17 3.59 -11.93 -41.74
C GLY C 17 3.40 -10.45 -41.94
N GLY C 18 2.22 -9.92 -41.64
CA GLY C 18 1.95 -8.51 -41.79
C GLY C 18 2.57 -7.68 -40.68
N SER C 19 2.23 -6.39 -40.70
CA SER C 19 2.77 -5.43 -39.74
C SER C 19 1.63 -4.62 -39.12
N LEU C 20 1.91 -4.08 -37.94
CA LEU C 20 0.95 -3.27 -37.21
C LEU C 20 1.71 -2.38 -36.23
N ARG C 21 1.17 -1.19 -35.99
CA ARG C 21 1.75 -0.25 -35.05
C ARG C 21 0.72 0.15 -34.01
N LEU C 22 1.07 0.00 -32.73
CA LEU C 22 0.25 0.49 -31.63
C LEU C 22 0.86 1.78 -31.09
N SER C 23 0.01 2.61 -30.49
CA SER C 23 0.44 3.85 -29.86
C SER C 23 -0.15 3.94 -28.48
N CYS C 24 0.58 4.61 -27.58
CA CYS C 24 0.19 4.78 -26.19
C CYS C 24 0.37 6.24 -25.83
N ALA C 25 -0.73 6.99 -25.81
CA ALA C 25 -0.68 8.42 -25.51
C ALA C 25 -0.63 8.59 -23.99
N ILE C 26 0.51 9.04 -23.48
CA ILE C 26 0.72 9.20 -22.05
C ILE C 26 0.51 10.67 -21.69
N SER C 27 0.04 10.90 -20.47
CA SER C 27 -0.18 12.25 -19.98
C SER C 27 -0.24 12.22 -18.46
N GLY C 28 0.26 13.30 -17.85
CA GLY C 28 0.28 13.41 -16.40
C GLY C 28 1.50 12.85 -15.72
N ILE C 29 2.47 12.35 -16.46
CA ILE C 29 3.69 11.78 -15.89
C ILE C 29 4.73 12.88 -15.79
N THR C 30 5.04 13.31 -14.56
CA THR C 30 6.07 14.31 -14.31
C THR C 30 7.28 13.73 -13.60
N LEU C 31 7.42 12.41 -13.55
CA LEU C 31 8.54 11.79 -12.88
C LEU C 31 9.83 12.00 -13.66
N ASP C 32 10.94 12.23 -12.94
CA ASP C 32 12.22 12.35 -13.61
C ASP C 32 12.69 11.01 -14.19
N TYR C 33 12.31 9.91 -13.56
CA TYR C 33 12.76 8.58 -13.97
C TYR C 33 11.59 7.62 -13.90
N TYR C 34 11.21 7.06 -15.06
CA TYR C 34 10.11 6.11 -15.12
C TYR C 34 10.33 5.18 -16.30
N ALA C 35 9.47 4.17 -16.38
CA ALA C 35 9.54 3.18 -17.46
C ALA C 35 8.18 3.06 -18.13
N VAL C 36 8.20 2.78 -19.43
CA VAL C 36 7.00 2.52 -20.21
C VAL C 36 7.19 1.17 -20.91
N GLY C 37 6.22 0.28 -20.72
CA GLY C 37 6.32 -1.06 -21.27
C GLY C 37 5.04 -1.48 -21.96
N TRP C 38 5.16 -2.53 -22.77
CA TRP C 38 4.04 -3.16 -23.45
C TRP C 38 3.88 -4.59 -22.96
N PHE C 39 2.67 -4.96 -22.58
CA PHE C 39 2.37 -6.27 -22.02
C PHE C 39 1.39 -7.00 -22.92
N LEU C 40 1.60 -8.31 -23.10
CA LEU C 40 0.75 -9.15 -23.91
C LEU C 40 -0.03 -10.09 -22.99
N GLN C 41 -1.36 -10.06 -23.12
CA GLN C 41 -2.24 -10.98 -22.40
C GLN C 41 -2.79 -11.97 -23.42
N ALA C 42 -2.07 -13.08 -23.61
CA ALA C 42 -2.50 -14.10 -24.54
C ALA C 42 -3.69 -14.87 -23.97
N PRO C 43 -4.54 -15.44 -24.82
CA PRO C 43 -5.68 -16.23 -24.33
C PRO C 43 -5.18 -17.42 -23.51
N GLY C 44 -5.61 -17.47 -22.25
CA GLY C 44 -5.16 -18.51 -21.34
C GLY C 44 -4.06 -18.04 -20.42
N LYS C 45 -3.13 -17.26 -20.95
CA LYS C 45 -2.01 -16.74 -20.17
C LYS C 45 -2.39 -15.40 -19.53
N GLU C 46 -1.48 -14.90 -18.70
CA GLU C 46 -1.65 -13.63 -18.00
C GLU C 46 -0.74 -12.58 -18.61
N ARG C 47 -0.82 -11.36 -18.06
CA ARG C 47 -0.04 -10.24 -18.60
C ARG C 47 1.45 -10.50 -18.43
N GLU C 48 2.17 -10.49 -19.56
CA GLU C 48 3.61 -10.66 -19.56
C GLU C 48 4.23 -9.57 -20.42
N GLY C 49 5.28 -8.94 -19.91
CA GLY C 49 5.95 -7.88 -20.65
C GLY C 49 6.73 -8.43 -21.83
N ILE C 50 6.66 -7.72 -22.95
CA ILE C 50 7.41 -8.08 -24.15
C ILE C 50 8.38 -7.00 -24.59
N SER C 51 8.27 -5.78 -24.07
CA SER C 51 9.20 -4.70 -24.37
C SER C 51 8.94 -3.55 -23.40
N CYS C 52 10.02 -2.92 -22.93
CA CYS C 52 9.92 -1.73 -22.10
C CYS C 52 11.05 -0.78 -22.44
N MET C 53 10.98 0.43 -21.89
CA MET C 53 12.00 1.44 -22.08
C MET C 53 12.00 2.39 -20.90
N ARG C 54 13.15 2.98 -20.62
CA ARG C 54 13.25 4.03 -19.63
C ARG C 54 13.30 5.39 -20.33
N ASN C 55 12.91 6.44 -19.60
CA ASN C 55 12.62 7.71 -20.26
C ASN C 55 13.89 8.51 -20.54
N TRP C 56 14.88 8.48 -19.64
CA TRP C 56 15.96 9.47 -19.70
C TRP C 56 16.89 9.22 -20.89
N ASP C 57 17.28 7.97 -21.13
CA ASP C 57 18.14 7.66 -22.28
C ASP C 57 17.49 6.78 -23.33
N GLY C 58 16.27 6.29 -23.09
CA GLY C 58 15.57 5.50 -24.09
C GLY C 58 15.99 4.05 -24.20
N ARG C 59 16.79 3.54 -23.27
CA ARG C 59 17.25 2.17 -23.36
C ARG C 59 16.09 1.19 -23.26
N THR C 60 16.08 0.20 -24.16
CA THR C 60 14.99 -0.77 -24.24
C THR C 60 15.54 -2.17 -24.01
N VAL C 61 14.66 -3.04 -23.51
CA VAL C 61 14.93 -4.47 -23.41
C VAL C 61 13.69 -5.21 -23.91
N TYR C 62 13.91 -6.25 -24.72
CA TYR C 62 12.85 -6.99 -25.37
C TYR C 62 12.81 -8.43 -24.87
N ALA C 63 11.66 -9.07 -25.07
CA ALA C 63 11.53 -10.50 -24.81
C ALA C 63 12.09 -11.29 -25.99
N PRO C 64 12.66 -12.47 -25.71
CA PRO C 64 13.16 -13.31 -26.81
C PRO C 64 12.08 -13.67 -27.82
N SER C 65 10.82 -13.75 -27.40
CA SER C 65 9.73 -14.08 -28.31
C SER C 65 9.55 -13.02 -29.39
N VAL C 66 9.84 -11.76 -29.08
CA VAL C 66 9.58 -10.65 -29.99
C VAL C 66 10.83 -9.92 -30.42
N LYS C 67 12.00 -10.30 -29.90
CA LYS C 67 13.23 -9.60 -30.25
C LYS C 67 13.54 -9.78 -31.73
N GLY C 68 13.88 -8.68 -32.40
CA GLY C 68 14.13 -8.70 -33.82
C GLY C 68 12.92 -8.44 -34.69
N ARG C 69 11.72 -8.52 -34.12
CA ARG C 69 10.48 -8.25 -34.85
C ARG C 69 9.73 -7.04 -34.32
N PHE C 70 9.72 -6.83 -33.00
CA PHE C 70 9.02 -5.71 -32.39
C PHE C 70 9.99 -4.61 -32.01
N THR C 71 9.50 -3.37 -32.04
CA THR C 71 10.30 -2.20 -31.70
C THR C 71 9.44 -1.22 -30.93
N ILE C 72 9.82 -0.95 -29.69
CA ILE C 72 9.18 0.09 -28.89
C ILE C 72 10.02 1.35 -29.00
N SER C 73 9.35 2.48 -29.18
CA SER C 73 10.04 3.76 -29.36
C SER C 73 9.18 4.87 -28.78
N SER C 74 9.79 6.05 -28.67
CA SER C 74 9.12 7.22 -28.13
C SER C 74 9.46 8.43 -29.00
N ASP C 75 8.60 9.43 -28.94
CA ASP C 75 8.84 10.69 -29.65
C ASP C 75 9.64 11.64 -28.77
N ASN C 76 10.11 12.73 -29.38
CA ASN C 76 10.94 13.68 -28.66
C ASN C 76 10.17 14.33 -27.50
N ALA C 77 8.90 14.67 -27.72
CA ALA C 77 8.10 15.32 -26.69
C ALA C 77 7.74 14.38 -25.54
N LYS C 78 8.13 13.11 -25.60
CA LYS C 78 7.82 12.12 -24.57
C LYS C 78 6.32 11.98 -24.36
N LYS C 79 5.54 12.17 -25.42
CA LYS C 79 4.08 12.12 -25.36
C LYS C 79 3.51 10.82 -25.88
N MET C 80 4.09 10.26 -26.93
CA MET C 80 3.60 9.05 -27.57
C MET C 80 4.66 7.96 -27.49
N VAL C 81 4.24 6.76 -27.10
CA VAL C 81 5.10 5.58 -27.11
C VAL C 81 4.50 4.59 -28.10
N TYR C 82 5.30 4.16 -29.07
CA TYR C 82 4.84 3.28 -30.13
C TYR C 82 5.36 1.85 -29.90
N LEU C 83 4.68 0.91 -30.56
CA LEU C 83 5.11 -0.49 -30.59
C LEU C 83 4.97 -0.95 -32.04
N GLU C 84 6.09 -1.00 -32.75
CA GLU C 84 6.11 -1.39 -34.15
C GLU C 84 6.23 -2.92 -34.23
N MET C 85 5.20 -3.56 -34.76
CA MET C 85 5.14 -5.01 -34.88
C MET C 85 5.39 -5.42 -36.31
N ASP C 86 6.40 -6.26 -36.53
CA ASP C 86 6.73 -6.78 -37.85
C ASP C 86 6.74 -8.29 -37.82
N ASN C 87 6.47 -8.89 -38.97
CA ASN C 87 6.43 -10.35 -39.14
C ASN C 87 5.58 -11.01 -38.05
N LEU C 88 4.32 -10.57 -37.99
CA LEU C 88 3.41 -11.07 -36.96
C LEU C 88 3.06 -12.53 -37.20
N LYS C 89 2.77 -13.22 -36.11
CA LYS C 89 2.46 -14.65 -36.14
C LYS C 89 1.33 -14.94 -35.17
N SER C 90 0.87 -16.20 -35.19
CA SER C 90 -0.28 -16.57 -34.38
C SER C 90 -0.01 -16.41 -32.89
N GLU C 91 1.24 -16.59 -32.46
CA GLU C 91 1.55 -16.51 -31.03
C GLU C 91 1.42 -15.10 -30.49
N ASP C 92 1.41 -14.08 -31.34
CA ASP C 92 1.29 -12.70 -30.89
C ASP C 92 -0.15 -12.28 -30.64
N THR C 93 -1.12 -13.17 -30.85
CA THR C 93 -2.52 -12.82 -30.66
C THR C 93 -2.83 -12.65 -29.18
N GLY C 94 -3.54 -11.58 -28.85
CA GLY C 94 -3.92 -11.32 -27.49
C GLY C 94 -4.23 -9.84 -27.29
N VAL C 95 -4.36 -9.47 -26.02
CA VAL C 95 -4.62 -8.08 -25.64
C VAL C 95 -3.30 -7.43 -25.27
N TYR C 96 -3.06 -6.23 -25.80
CA TYR C 96 -1.83 -5.49 -25.55
C TYR C 96 -2.13 -4.26 -24.71
N TYR C 97 -1.47 -4.16 -23.55
CA TYR C 97 -1.56 -3.01 -22.68
C TYR C 97 -0.22 -2.27 -22.67
N CYS C 98 -0.27 -0.96 -22.47
CA CYS C 98 0.91 -0.18 -22.15
C CYS C 98 0.83 0.25 -20.69
N ALA C 99 1.96 0.17 -19.99
CA ALA C 99 2.01 0.45 -18.57
C ALA C 99 3.17 1.39 -18.26
N ALA C 100 3.03 2.13 -17.16
CA ALA C 100 4.05 3.07 -16.73
C ALA C 100 4.23 2.95 -15.23
N GLY C 101 5.46 3.17 -14.78
CA GLY C 101 5.78 3.13 -13.38
C GLY C 101 7.13 3.77 -13.07
N PRO C 102 7.34 4.14 -11.81
CA PRO C 102 8.62 4.74 -11.43
C PRO C 102 9.77 3.77 -11.63
N LEU C 103 10.99 4.32 -11.64
CA LEU C 103 12.18 3.54 -11.86
C LEU C 103 13.34 4.27 -11.19
N PRO C 104 14.22 3.56 -10.48
CA PRO C 104 15.37 4.23 -9.88
C PRO C 104 16.33 4.73 -10.94
N PRO C 105 17.07 5.80 -10.67
CA PRO C 105 18.02 6.30 -11.67
C PRO C 105 19.08 5.27 -12.02
N GLY C 106 19.41 5.19 -13.31
CA GLY C 106 20.45 4.29 -13.77
C GLY C 106 20.11 2.82 -13.69
N ILE C 107 18.82 2.48 -13.72
CA ILE C 107 18.36 1.10 -13.60
C ILE C 107 17.59 0.74 -14.87
N SER C 108 17.85 -0.46 -15.39
CA SER C 108 17.13 -0.94 -16.55
C SER C 108 15.68 -1.29 -16.19
N CYS C 109 14.78 -1.07 -17.14
CA CYS C 109 13.37 -1.40 -16.91
C CYS C 109 13.20 -2.92 -16.88
N ARG C 110 12.13 -3.35 -16.19
CA ARG C 110 11.92 -4.75 -15.86
C ARG C 110 10.82 -5.34 -16.73
N ILE C 111 11.11 -6.48 -17.36
CA ILE C 111 10.12 -7.34 -17.99
C ILE C 111 10.56 -8.78 -17.80
N PRO C 112 9.60 -9.73 -17.86
CA PRO C 112 8.16 -9.58 -18.12
C PRO C 112 7.30 -9.39 -16.89
N THR C 113 7.87 -8.96 -15.76
CA THR C 113 7.07 -8.81 -14.55
C THR C 113 6.09 -7.65 -14.70
N PRO C 114 4.86 -7.80 -14.21
CA PRO C 114 3.95 -6.64 -14.14
C PRO C 114 4.23 -5.74 -12.95
N LEU C 115 5.02 -6.19 -11.99
CA LEU C 115 5.32 -5.40 -10.81
C LEU C 115 6.19 -4.19 -11.17
N GLY C 116 5.99 -3.10 -10.45
CA GLY C 116 6.68 -1.86 -10.73
C GLY C 116 5.98 -0.93 -11.70
N TYR C 117 4.84 -1.36 -12.26
CA TYR C 117 4.04 -0.55 -13.16
C TYR C 117 2.74 -0.20 -12.44
N ASP C 118 2.53 1.08 -12.15
CA ASP C 118 1.41 1.52 -11.35
C ASP C 118 0.24 2.05 -12.18
N ASP C 119 0.46 2.35 -13.46
CA ASP C 119 -0.60 2.87 -14.33
C ASP C 119 -0.67 2.02 -15.58
N TRP C 120 -1.89 1.68 -15.99
CA TRP C 120 -2.13 0.81 -17.13
C TRP C 120 -3.14 1.44 -18.08
N GLY C 121 -3.18 0.90 -19.30
CA GLY C 121 -4.15 1.31 -20.29
C GLY C 121 -5.33 0.36 -20.37
N GLN C 122 -6.27 0.69 -21.25
CA GLN C 122 -7.49 -0.09 -21.37
C GLN C 122 -7.31 -1.37 -22.16
N GLY C 123 -6.22 -1.50 -22.92
CA GLY C 123 -5.95 -2.70 -23.68
C GLY C 123 -6.41 -2.58 -25.12
N THR C 124 -5.83 -3.44 -25.97
CA THR C 124 -6.15 -3.44 -27.40
C THR C 124 -6.03 -4.87 -27.91
N GLN C 125 -7.04 -5.31 -28.66
CA GLN C 125 -7.08 -6.66 -29.19
C GLN C 125 -6.34 -6.71 -30.53
N VAL C 126 -5.36 -7.61 -30.62
CA VAL C 126 -4.59 -7.84 -31.84
C VAL C 126 -4.75 -9.30 -32.21
N THR C 127 -5.34 -9.55 -33.40
CA THR C 127 -5.63 -10.89 -33.87
C THR C 127 -4.80 -11.16 -35.13
N VAL C 128 -3.96 -12.18 -35.07
CA VAL C 128 -3.12 -12.57 -36.19
C VAL C 128 -3.54 -13.97 -36.61
N SER C 129 -4.29 -14.05 -37.72
CA SER C 129 -4.76 -15.32 -38.24
C SER C 129 -4.98 -15.26 -39.75
#